data_2DD6
#
_entry.id   2DD6
#
_entity_poly.entity_id   1
_entity_poly.type   'polypeptide(L)'
_entity_poly.pdbx_seq_one_letter_code
;ALWKTLLKKVLKA(NH2)
;
_entity_poly.pdbx_strand_id   A
#
loop_
_chem_comp.id
_chem_comp.type
_chem_comp.name
_chem_comp.formula
NH2 non-polymer 'AMINO GROUP' 'H2 N'
#
# COMPACT_ATOMS: atom_id res chain seq x y z
N ALA A 1 3.36 -5.33 -1.62
CA ALA A 1 3.50 -3.86 -1.54
C ALA A 1 3.87 -3.44 -0.11
N LEU A 2 4.64 -2.39 0.08
CA LEU A 2 5.02 -2.04 1.48
C LEU A 2 5.42 -0.61 1.70
N TRP A 3 5.40 0.20 0.71
CA TRP A 3 5.76 1.63 0.95
C TRP A 3 5.73 2.40 -0.35
N LYS A 4 5.91 1.72 -1.45
CA LYS A 4 5.82 2.40 -2.78
C LYS A 4 4.55 1.89 -3.47
N THR A 5 3.89 0.95 -2.84
CA THR A 5 2.64 0.34 -3.39
C THR A 5 1.69 0.02 -2.23
N LEU A 6 2.24 -0.38 -1.11
CA LEU A 6 1.41 -0.68 0.09
C LEU A 6 0.65 0.58 0.52
N LEU A 7 1.00 1.68 -0.04
CA LEU A 7 0.32 2.95 0.27
C LEU A 7 -0.90 3.00 -0.63
N LYS A 8 -0.72 2.48 -1.79
CA LYS A 8 -1.84 2.39 -2.73
C LYS A 8 -2.68 1.21 -2.27
N LYS A 9 -2.02 0.24 -1.71
CA LYS A 9 -2.70 -0.94 -1.15
C LYS A 9 -3.14 -0.63 0.24
N VAL A 10 -2.50 0.33 0.81
CA VAL A 10 -2.83 0.72 2.17
C VAL A 10 -4.34 0.88 2.28
N LEU A 11 -4.96 1.39 1.25
CA LEU A 11 -6.44 1.52 1.25
C LEU A 11 -7.00 0.19 1.73
N LYS A 12 -6.37 -0.86 1.30
CA LYS A 12 -6.76 -2.24 1.74
C LYS A 12 -5.58 -2.81 2.55
N ALA A 13 -4.85 -1.93 3.16
CA ALA A 13 -3.67 -2.29 4.01
C ALA A 13 -2.94 -3.75 3.91
N NH2 A 14 -1.81 -3.85 3.85
HN1 NH2 A 14 -1.18 -3.62 3.19
HN2 NH2 A 14 -1.57 -4.41 4.66
N ALA A 1 4.40 -4.39 -2.50
CA ALA A 1 3.38 -3.55 -1.80
C ALA A 1 3.79 -3.29 -0.35
N LEU A 2 4.62 -2.28 -0.07
CA LEU A 2 4.99 -2.01 1.36
C LEU A 2 5.40 -0.60 1.67
N TRP A 3 5.39 0.28 0.72
CA TRP A 3 5.76 1.71 0.98
C TRP A 3 5.83 2.48 -0.34
N LYS A 4 6.05 1.78 -1.42
CA LYS A 4 6.04 2.42 -2.77
C LYS A 4 4.81 1.90 -3.54
N THR A 5 4.05 1.04 -2.89
CA THR A 5 2.84 0.39 -3.50
C THR A 5 1.85 0.02 -2.37
N LEU A 6 2.35 -0.37 -1.22
CA LEU A 6 1.47 -0.71 -0.05
C LEU A 6 0.63 0.48 0.35
N LEU A 7 1.07 1.66 -0.01
CA LEU A 7 0.30 2.89 0.32
C LEU A 7 -0.90 2.89 -0.60
N LYS A 8 -0.68 2.44 -1.80
CA LYS A 8 -1.77 2.30 -2.75
C LYS A 8 -2.57 1.07 -2.30
N LYS A 9 -1.87 0.15 -1.71
CA LYS A 9 -2.49 -1.07 -1.14
C LYS A 9 -2.78 -0.83 0.32
N VAL A 10 -2.78 0.40 0.72
CA VAL A 10 -2.99 0.68 2.12
C VAL A 10 -4.48 0.90 2.38
N LEU A 11 -5.19 1.42 1.41
CA LEU A 11 -6.66 1.59 1.57
C LEU A 11 -7.22 0.22 1.95
N LYS A 12 -6.64 -0.80 1.36
CA LYS A 12 -7.04 -2.20 1.70
C LYS A 12 -6.04 -2.75 2.75
N ALA A 13 -4.87 -2.13 2.82
CA ALA A 13 -3.81 -2.51 3.81
C ALA A 13 -3.37 -3.98 3.68
N NH2 A 14 -3.77 -4.72 2.67
HN1 NH2 A 14 -4.37 -4.34 2.00
HN2 NH2 A 14 -3.46 -5.64 2.59
N ALA A 1 4.45 -3.98 -2.68
CA ALA A 1 3.35 -3.44 -1.84
C ALA A 1 3.81 -3.23 -0.39
N LEU A 2 4.65 -2.24 -0.09
CA LEU A 2 5.04 -2.04 1.33
C LEU A 2 5.47 -0.64 1.66
N TRP A 3 5.37 0.27 0.74
CA TRP A 3 5.73 1.68 1.03
C TRP A 3 5.75 2.46 -0.28
N LYS A 4 5.98 1.77 -1.36
CA LYS A 4 5.96 2.44 -2.69
C LYS A 4 4.70 1.96 -3.44
N THR A 5 3.97 1.07 -2.82
CA THR A 5 2.73 0.49 -3.41
C THR A 5 1.77 0.13 -2.28
N LEU A 6 2.28 -0.40 -1.21
CA LEU A 6 1.44 -0.74 -0.03
C LEU A 6 0.59 0.46 0.33
N LEU A 7 1.04 1.62 -0.04
CA LEU A 7 0.28 2.86 0.25
C LEU A 7 -0.91 2.85 -0.67
N LYS A 8 -0.69 2.39 -1.85
CA LYS A 8 -1.79 2.26 -2.79
C LYS A 8 -2.57 1.05 -2.33
N LYS A 9 -1.87 0.11 -1.78
CA LYS A 9 -2.48 -1.10 -1.21
C LYS A 9 -2.77 -0.86 0.24
N VAL A 10 -2.72 0.35 0.65
CA VAL A 10 -2.92 0.62 2.05
C VAL A 10 -4.41 0.84 2.31
N LEU A 11 -5.09 1.46 1.38
CA LEU A 11 -6.57 1.64 1.56
C LEU A 11 -7.14 0.28 1.96
N LYS A 12 -6.56 -0.75 1.40
CA LYS A 12 -6.97 -2.13 1.76
C LYS A 12 -5.99 -2.66 2.83
N ALA A 13 -4.81 -2.09 2.83
CA ALA A 13 -3.80 -2.47 3.84
C ALA A 13 -3.41 -3.97 4.01
N NH2 A 14 -2.28 -4.40 3.89
HN1 NH2 A 14 -1.57 -3.98 3.34
HN2 NH2 A 14 -2.05 -5.11 4.51
N ALA A 1 4.27 -4.19 -2.41
CA ALA A 1 3.19 -3.59 -1.56
C ALA A 1 3.68 -3.30 -0.14
N LEU A 2 4.54 -2.30 0.07
CA LEU A 2 4.98 -2.03 1.47
C LEU A 2 5.44 -0.60 1.73
N TRP A 3 5.35 0.25 0.76
CA TRP A 3 5.75 1.67 0.97
C TRP A 3 5.75 2.39 -0.38
N LYS A 4 5.90 1.66 -1.46
CA LYS A 4 5.85 2.26 -2.82
C LYS A 4 4.56 1.78 -3.50
N THR A 5 3.87 0.88 -2.84
CA THR A 5 2.60 0.29 -3.36
C THR A 5 1.66 0.02 -2.18
N LEU A 6 2.21 -0.41 -1.06
CA LEU A 6 1.40 -0.66 0.16
C LEU A 6 0.64 0.60 0.55
N LEU A 7 0.99 1.71 -0.03
CA LEU A 7 0.31 3.00 0.25
C LEU A 7 -0.91 3.03 -0.65
N LYS A 8 -0.72 2.51 -1.84
CA LYS A 8 -1.84 2.39 -2.78
C LYS A 8 -2.67 1.21 -2.32
N LYS A 9 -2.00 0.26 -1.72
CA LYS A 9 -2.67 -0.92 -1.15
C LYS A 9 -3.11 -0.60 0.24
N VAL A 10 -2.52 0.39 0.81
CA VAL A 10 -2.83 0.79 2.19
C VAL A 10 -4.35 0.89 2.35
N LEU A 11 -5.02 1.48 1.37
CA LEU A 11 -6.52 1.55 1.44
C LEU A 11 -7.02 0.15 1.81
N LYS A 12 -6.32 -0.86 1.30
CA LYS A 12 -6.63 -2.29 1.61
C LYS A 12 -5.40 -2.98 2.23
N ALA A 13 -4.65 -2.22 2.95
CA ALA A 13 -3.41 -2.56 3.73
C ALA A 13 -2.62 -3.78 3.65
N NH2 A 14 -1.87 -3.48 2.59
HN1 NH2 A 14 -2.20 -3.25 1.50
HN2 NH2 A 14 -0.85 -3.31 2.85
N ALA A 1 4.27 -4.43 -2.37
CA ALA A 1 3.26 -3.62 -1.62
C ALA A 1 3.72 -3.32 -0.18
N LEU A 2 4.57 -2.31 0.03
CA LEU A 2 4.99 -2.02 1.44
C LEU A 2 5.41 -0.59 1.70
N TRP A 3 5.39 0.25 0.72
CA TRP A 3 5.78 1.68 0.93
C TRP A 3 5.81 2.43 -0.40
N LYS A 4 5.99 1.70 -1.48
CA LYS A 4 5.96 2.31 -2.84
C LYS A 4 4.69 1.79 -3.56
N THR A 5 3.95 0.94 -2.87
CA THR A 5 2.71 0.30 -3.42
C THR A 5 1.75 -0.02 -2.26
N LEU A 6 2.28 -0.38 -1.11
CA LEU A 6 1.43 -0.68 0.09
C LEU A 6 0.66 0.57 0.51
N LEU A 7 1.02 1.70 -0.01
CA LEU A 7 0.31 2.97 0.31
C LEU A 7 -0.90 3.00 -0.61
N LYS A 8 -0.71 2.51 -1.80
CA LYS A 8 -1.82 2.39 -2.74
C LYS A 8 -2.63 1.19 -2.29
N LYS A 9 -1.96 0.26 -1.67
CA LYS A 9 -2.61 -0.95 -1.10
C LYS A 9 -3.01 -0.67 0.33
N VAL A 10 -2.62 0.45 0.82
CA VAL A 10 -2.93 0.79 2.21
C VAL A 10 -4.45 0.92 2.38
N LEU A 11 -5.12 1.41 1.36
CA LEU A 11 -6.63 1.51 1.43
C LEU A 11 -7.14 0.13 1.82
N LYS A 12 -6.48 -0.88 1.28
CA LYS A 12 -6.80 -2.30 1.61
C LYS A 12 -5.59 -2.87 2.39
N ALA A 13 -4.92 -2.00 3.13
CA ALA A 13 -3.68 -2.32 3.93
C ALA A 13 -3.03 -3.65 3.50
N NH2 A 14 -2.10 -3.63 2.59
HN1 NH2 A 14 -1.83 -2.78 2.17
HN2 NH2 A 14 -1.67 -4.46 2.31
N ALA A 1 4.54 -4.26 -2.63
CA ALA A 1 3.50 -3.45 -1.90
C ALA A 1 3.92 -3.22 -0.44
N LEU A 2 4.72 -2.20 -0.15
CA LEU A 2 5.08 -1.97 1.29
C LEU A 2 5.50 -0.55 1.63
N TRP A 3 5.39 0.35 0.71
CA TRP A 3 5.75 1.79 0.96
C TRP A 3 5.84 2.51 -0.39
N LYS A 4 6.09 1.76 -1.43
CA LYS A 4 6.15 2.31 -2.82
C LYS A 4 4.91 1.77 -3.58
N THR A 5 4.04 1.11 -2.86
CA THR A 5 2.81 0.47 -3.46
C THR A 5 1.83 0.08 -2.35
N LEU A 6 2.36 -0.36 -1.22
CA LEU A 6 1.50 -0.74 -0.06
C LEU A 6 0.64 0.44 0.37
N LEU A 7 1.06 1.62 0.06
CA LEU A 7 0.27 2.85 0.40
C LEU A 7 -0.93 2.84 -0.54
N LYS A 8 -0.69 2.43 -1.74
CA LYS A 8 -1.80 2.30 -2.70
C LYS A 8 -2.58 1.06 -2.27
N LYS A 9 -1.86 0.12 -1.71
CA LYS A 9 -2.47 -1.11 -1.15
C LYS A 9 -2.77 -0.89 0.31
N VAL A 10 -2.79 0.34 0.73
CA VAL A 10 -3.02 0.60 2.14
C VAL A 10 -4.52 0.85 2.38
N LEU A 11 -5.19 1.41 1.38
CA LEU A 11 -6.66 1.64 1.52
C LEU A 11 -7.26 0.28 1.91
N LYS A 12 -6.71 -0.77 1.34
CA LYS A 12 -7.14 -2.16 1.69
C LYS A 12 -6.21 -2.69 2.79
N ALA A 13 -5.01 -2.12 2.87
CA ALA A 13 -3.99 -2.49 3.90
C ALA A 13 -3.59 -3.97 3.80
N NH2 A 14 -2.38 -4.28 3.43
HN1 NH2 A 14 -1.73 -3.57 3.22
HN2 NH2 A 14 -2.10 -5.22 3.38
N ALA A 1 3.53 -5.27 -1.85
CA ALA A 1 3.63 -3.79 -1.71
C ALA A 1 3.95 -3.42 -0.26
N LEU A 2 4.69 -2.35 -0.01
CA LEU A 2 5.01 -2.05 1.41
C LEU A 2 5.39 -0.62 1.70
N TRP A 3 5.39 0.23 0.74
CA TRP A 3 5.73 1.65 1.02
C TRP A 3 5.75 2.45 -0.28
N LYS A 4 5.98 1.79 -1.38
CA LYS A 4 5.95 2.49 -2.70
C LYS A 4 4.69 2.00 -3.45
N THR A 5 3.99 1.07 -2.85
CA THR A 5 2.76 0.48 -3.45
C THR A 5 1.79 0.09 -2.33
N LEU A 6 2.30 -0.38 -1.22
CA LEU A 6 1.44 -0.74 -0.06
C LEU A 6 0.61 0.45 0.35
N LEU A 7 1.03 1.61 -0.04
CA LEU A 7 0.28 2.87 0.26
C LEU A 7 -0.90 2.88 -0.66
N LYS A 8 -0.69 2.40 -1.85
CA LYS A 8 -1.79 2.29 -2.81
C LYS A 8 -2.60 1.08 -2.37
N LYS A 9 -1.93 0.14 -1.78
CA LYS A 9 -2.59 -1.05 -1.24
C LYS A 9 -2.90 -0.82 0.22
N VAL A 10 -2.71 0.37 0.67
CA VAL A 10 -2.91 0.64 2.07
C VAL A 10 -4.40 0.86 2.33
N LEU A 11 -5.09 1.46 1.38
CA LEU A 11 -6.58 1.62 1.54
C LEU A 11 -7.13 0.25 1.93
N LYS A 12 -6.49 -0.77 1.41
CA LYS A 12 -6.86 -2.15 1.77
C LYS A 12 -5.92 -2.68 2.86
N ALA A 13 -4.70 -2.12 2.95
CA ALA A 13 -3.72 -2.57 3.96
C ALA A 13 -3.51 -4.05 3.65
N NH2 A 14 -2.28 -4.32 4.09
HN1 NH2 A 14 -1.86 -4.18 5.08
HN2 NH2 A 14 -1.58 -4.45 3.37
N ALA A 1 3.89 -4.56 -2.51
CA ALA A 1 3.23 -3.42 -1.81
C ALA A 1 3.78 -3.24 -0.39
N LEU A 2 4.60 -2.23 -0.14
CA LEU A 2 5.10 -2.03 1.26
C LEU A 2 5.49 -0.61 1.60
N TRP A 3 5.44 0.30 0.69
CA TRP A 3 5.78 1.71 0.99
C TRP A 3 5.81 2.53 -0.31
N LYS A 4 6.01 1.86 -1.42
CA LYS A 4 5.97 2.55 -2.75
C LYS A 4 4.77 1.96 -3.54
N THR A 5 3.99 1.12 -2.87
CA THR A 5 2.81 0.44 -3.48
C THR A 5 1.84 0.01 -2.35
N LEU A 6 2.37 -0.38 -1.22
CA LEU A 6 1.53 -0.76 -0.04
C LEU A 6 0.66 0.41 0.39
N LEU A 7 1.06 1.59 0.04
CA LEU A 7 0.28 2.81 0.39
C LEU A 7 -0.92 2.82 -0.54
N LYS A 8 -0.69 2.40 -1.74
CA LYS A 8 -1.81 2.27 -2.69
C LYS A 8 -2.58 1.04 -2.23
N LYS A 9 -1.87 0.08 -1.69
CA LYS A 9 -2.47 -1.14 -1.13
C LYS A 9 -2.81 -0.91 0.33
N VAL A 10 -2.70 0.30 0.76
CA VAL A 10 -2.96 0.60 2.16
C VAL A 10 -4.45 0.87 2.32
N LEU A 11 -5.08 1.38 1.27
CA LEU A 11 -6.55 1.64 1.30
C LEU A 11 -7.21 0.35 1.78
N LYS A 12 -6.67 -0.77 1.34
CA LYS A 12 -7.16 -2.10 1.79
C LYS A 12 -6.26 -2.57 2.95
N ALA A 13 -5.05 -2.05 3.01
CA ALA A 13 -4.08 -2.38 4.09
C ALA A 13 -3.75 -3.88 4.13
N NH2 A 14 -2.83 -4.31 4.95
HN1 NH2 A 14 -2.36 -3.67 5.53
HN2 NH2 A 14 -2.60 -5.26 4.97
N ALA A 1 4.40 -4.29 -2.60
CA ALA A 1 3.41 -3.45 -1.86
C ALA A 1 3.84 -3.22 -0.41
N LEU A 2 4.67 -2.21 -0.13
CA LEU A 2 5.07 -1.99 1.30
C LEU A 2 5.49 -0.57 1.63
N TRP A 3 5.39 0.33 0.70
CA TRP A 3 5.76 1.76 0.94
C TRP A 3 5.84 2.49 -0.41
N LYS A 4 6.08 1.73 -1.45
CA LYS A 4 6.12 2.27 -2.84
C LYS A 4 4.88 1.74 -3.59
N THR A 5 4.00 1.09 -2.86
CA THR A 5 2.76 0.47 -3.46
C THR A 5 1.81 0.08 -2.32
N LEU A 6 2.34 -0.34 -1.20
CA LEU A 6 1.50 -0.71 -0.01
C LEU A 6 0.65 0.48 0.42
N LEU A 7 1.04 1.66 0.05
CA LEU A 7 0.27 2.89 0.42
C LEU A 7 -0.94 2.90 -0.51
N LYS A 8 -0.72 2.47 -1.71
CA LYS A 8 -1.84 2.34 -2.65
C LYS A 8 -2.63 1.11 -2.20
N LYS A 9 -1.90 0.14 -1.66
CA LYS A 9 -2.51 -1.08 -1.10
C LYS A 9 -2.84 -0.86 0.35
N VAL A 10 -2.71 0.34 0.79
CA VAL A 10 -2.98 0.63 2.19
C VAL A 10 -4.48 0.88 2.35
N LEU A 11 -5.10 1.35 1.30
CA LEU A 11 -6.58 1.58 1.31
C LEU A 11 -7.21 0.26 1.75
N LYS A 12 -6.64 -0.83 1.29
CA LYS A 12 -7.09 -2.20 1.71
C LYS A 12 -6.15 -2.71 2.82
N ALA A 13 -4.98 -2.09 2.94
CA ALA A 13 -3.97 -2.44 3.97
C ALA A 13 -3.52 -3.91 3.87
N NH2 A 14 -2.32 -4.18 3.46
HN1 NH2 A 14 -1.71 -3.44 3.20
HN2 NH2 A 14 -2.01 -5.11 3.39
N ALA A 1 3.71 -4.72 -2.25
CA ALA A 1 3.10 -3.51 -1.60
C ALA A 1 3.68 -3.29 -0.21
N LEU A 2 4.51 -2.27 -0.01
CA LEU A 2 5.05 -2.03 1.37
C LEU A 2 5.47 -0.59 1.65
N TRP A 3 5.43 0.26 0.68
CA TRP A 3 5.81 1.68 0.92
C TRP A 3 5.82 2.45 -0.41
N LYS A 4 5.98 1.73 -1.50
CA LYS A 4 5.92 2.36 -2.85
C LYS A 4 4.70 1.77 -3.59
N THR A 5 3.91 0.99 -2.86
CA THR A 5 2.70 0.30 -3.42
C THR A 5 1.75 -0.03 -2.26
N LEU A 6 2.29 -0.39 -1.11
CA LEU A 6 1.46 -0.69 0.12
C LEU A 6 0.67 0.54 0.54
N LEU A 7 1.03 1.68 0.03
CA LEU A 7 0.32 2.93 0.38
C LEU A 7 -0.90 2.98 -0.54
N LYS A 8 -0.71 2.51 -1.74
CA LYS A 8 -1.84 2.41 -2.66
C LYS A 8 -2.64 1.20 -2.18
N LYS A 9 -1.95 0.23 -1.66
CA LYS A 9 -2.58 -0.98 -1.08
C LYS A 9 -3.02 -0.69 0.33
N VAL A 10 -2.58 0.40 0.85
CA VAL A 10 -2.94 0.77 2.22
C VAL A 10 -4.45 0.95 2.31
N LEU A 11 -5.07 1.36 1.23
CA LEU A 11 -6.56 1.51 1.21
C LEU A 11 -7.14 0.18 1.68
N LYS A 12 -6.49 -0.89 1.28
CA LYS A 12 -6.90 -2.27 1.71
C LYS A 12 -5.76 -2.86 2.55
N ALA A 13 -4.96 -1.98 3.11
CA ALA A 13 -3.78 -2.34 3.95
C ALA A 13 -3.18 -3.69 3.54
N NH2 A 14 -2.49 -3.76 2.42
HN1 NH2 A 14 -2.36 -2.96 1.87
HN2 NH2 A 14 -2.10 -4.62 2.14
N ALA A 1 3.62 -5.22 -1.91
CA ALA A 1 3.59 -3.74 -1.71
C ALA A 1 3.93 -3.38 -0.26
N LEU A 2 4.70 -2.32 -0.02
CA LEU A 2 5.02 -1.99 1.41
C LEU A 2 5.38 -0.55 1.69
N TRP A 3 5.41 0.29 0.71
CA TRP A 3 5.75 1.73 0.98
C TRP A 3 5.80 2.51 -0.33
N LYS A 4 6.04 1.82 -1.41
CA LYS A 4 6.03 2.50 -2.75
C LYS A 4 4.82 1.95 -3.54
N THR A 5 4.06 1.08 -2.89
CA THR A 5 2.86 0.43 -3.52
C THR A 5 1.87 0.02 -2.41
N LEU A 6 2.37 -0.37 -1.26
CA LEU A 6 1.50 -0.76 -0.10
C LEU A 6 0.63 0.43 0.31
N LEU A 7 1.06 1.61 0.00
CA LEU A 7 0.28 2.83 0.33
C LEU A 7 -0.92 2.82 -0.60
N LYS A 8 -0.69 2.41 -1.80
CA LYS A 8 -1.78 2.27 -2.76
C LYS A 8 -2.58 1.04 -2.32
N LYS A 9 -1.88 0.11 -1.74
CA LYS A 9 -2.52 -1.11 -1.19
C LYS A 9 -2.79 -0.89 0.28
N VAL A 10 -2.79 0.33 0.69
CA VAL A 10 -2.98 0.61 2.11
C VAL A 10 -4.45 0.88 2.40
N LEU A 11 -5.17 1.44 1.45
CA LEU A 11 -6.63 1.67 1.64
C LEU A 11 -7.21 0.31 2.02
N LYS A 12 -6.69 -0.71 1.40
CA LYS A 12 -7.11 -2.11 1.72
C LYS A 12 -6.08 -2.74 2.69
N ALA A 13 -4.93 -2.11 2.83
CA ALA A 13 -3.84 -2.58 3.74
C ALA A 13 -3.50 -4.05 3.50
N NH2 A 14 -2.65 -4.38 2.56
HN1 NH2 A 14 -2.25 -3.67 2.01
HN2 NH2 A 14 -2.44 -5.32 2.40
N ALA A 1 4.57 -4.22 -2.71
CA ALA A 1 3.54 -3.44 -1.96
C ALA A 1 3.96 -3.22 -0.50
N LEU A 2 4.74 -2.20 -0.19
CA LEU A 2 5.12 -1.99 1.24
C LEU A 2 5.52 -0.57 1.60
N TRP A 3 5.40 0.35 0.70
CA TRP A 3 5.75 1.79 0.96
C TRP A 3 5.82 2.53 -0.38
N LYS A 4 6.08 1.78 -1.43
CA LYS A 4 6.11 2.36 -2.81
C LYS A 4 4.87 1.83 -3.56
N THR A 5 4.00 1.13 -2.85
CA THR A 5 2.78 0.50 -3.45
C THR A 5 1.82 0.09 -2.33
N LEU A 6 2.36 -0.36 -1.22
CA LEU A 6 1.52 -0.77 -0.05
C LEU A 6 0.65 0.40 0.41
N LEU A 7 1.05 1.59 0.06
CA LEU A 7 0.26 2.81 0.44
C LEU A 7 -0.95 2.81 -0.48
N LYS A 8 -0.73 2.43 -1.70
CA LYS A 8 -1.83 2.30 -2.64
C LYS A 8 -2.60 1.06 -2.21
N LYS A 9 -1.87 0.10 -1.69
CA LYS A 9 -2.46 -1.14 -1.14
C LYS A 9 -2.81 -0.93 0.31
N VAL A 10 -2.71 0.28 0.76
CA VAL A 10 -3.00 0.55 2.16
C VAL A 10 -4.48 0.85 2.31
N LEU A 11 -5.09 1.36 1.25
CA LEU A 11 -6.55 1.64 1.28
C LEU A 11 -7.24 0.36 1.75
N LYS A 12 -6.70 -0.76 1.34
CA LYS A 12 -7.22 -2.08 1.81
C LYS A 12 -6.29 -2.61 2.93
N ALA A 13 -5.09 -2.08 3.01
CA ALA A 13 -4.09 -2.45 4.05
C ALA A 13 -3.85 -3.97 4.10
N NH2 A 14 -2.86 -4.47 3.41
HN1 NH2 A 14 -2.28 -3.88 2.87
HN2 NH2 A 14 -2.67 -5.43 3.44
N ALA A 1 4.56 -3.99 -2.75
CA ALA A 1 3.49 -3.34 -1.93
C ALA A 1 3.92 -3.16 -0.48
N LEU A 2 4.72 -2.16 -0.16
CA LEU A 2 5.11 -1.98 1.27
C LEU A 2 5.53 -0.57 1.63
N TRP A 3 5.36 0.35 0.74
CA TRP A 3 5.68 1.77 1.03
C TRP A 3 5.75 2.52 -0.30
N LYS A 4 6.04 1.79 -1.33
CA LYS A 4 6.08 2.37 -2.70
C LYS A 4 4.82 1.94 -3.45
N THR A 5 4.00 1.15 -2.78
CA THR A 5 2.75 0.62 -3.40
C THR A 5 1.80 0.21 -2.28
N LEU A 6 2.33 -0.37 -1.25
CA LEU A 6 1.48 -0.77 -0.10
C LEU A 6 0.57 0.39 0.28
N LEU A 7 1.01 1.57 -0.01
CA LEU A 7 0.19 2.77 0.31
C LEU A 7 -1.01 2.73 -0.61
N LYS A 8 -0.75 2.36 -1.81
CA LYS A 8 -1.85 2.20 -2.76
C LYS A 8 -2.58 0.93 -2.34
N LYS A 9 -1.85 0.04 -1.76
CA LYS A 9 -2.43 -1.22 -1.23
C LYS A 9 -2.70 -1.03 0.23
N VAL A 10 -2.71 0.18 0.66
CA VAL A 10 -2.92 0.41 2.08
C VAL A 10 -4.40 0.72 2.31
N LEU A 11 -4.99 1.46 1.42
CA LEU A 11 -6.44 1.79 1.54
C LEU A 11 -7.16 0.49 1.91
N LYS A 12 -6.62 -0.61 1.45
CA LYS A 12 -7.18 -1.95 1.79
C LYS A 12 -6.26 -2.57 2.84
N ALA A 13 -5.03 -2.14 2.86
CA ALA A 13 -4.02 -2.63 3.89
C ALA A 13 -3.84 -4.16 3.56
N NH2 A 14 -2.60 -4.60 3.53
HN1 NH2 A 14 -2.06 -4.85 4.14
HN2 NH2 A 14 -2.40 -4.86 2.49
N ALA A 1 4.35 -4.34 -2.46
CA ALA A 1 3.37 -3.48 -1.75
C ALA A 1 3.80 -3.22 -0.30
N LEU A 2 4.64 -2.21 -0.04
CA LEU A 2 5.03 -1.95 1.38
C LEU A 2 5.48 -0.54 1.67
N TRP A 3 5.37 0.34 0.72
CA TRP A 3 5.75 1.78 0.93
C TRP A 3 5.85 2.46 -0.44
N LYS A 4 6.07 1.67 -1.47
CA LYS A 4 6.13 2.18 -2.87
C LYS A 4 4.88 1.65 -3.60
N THR A 5 3.98 1.02 -2.85
CA THR A 5 2.74 0.41 -3.43
C THR A 5 1.78 0.06 -2.29
N LEU A 6 2.30 -0.35 -1.16
CA LEU A 6 1.47 -0.68 0.04
C LEU A 6 0.62 0.52 0.44
N LEU A 7 1.03 1.69 0.03
CA LEU A 7 0.26 2.93 0.36
C LEU A 7 -0.95 2.94 -0.56
N LYS A 8 -0.73 2.48 -1.77
CA LYS A 8 -1.85 2.35 -2.71
C LYS A 8 -2.63 1.13 -2.26
N LYS A 9 -1.94 0.19 -1.66
CA LYS A 9 -2.57 -1.03 -1.10
C LYS A 9 -2.92 -0.78 0.35
N VAL A 10 -2.71 0.40 0.81
CA VAL A 10 -2.98 0.70 2.22
C VAL A 10 -4.48 0.87 2.41
N LEU A 11 -5.15 1.43 1.41
CA LEU A 11 -6.64 1.58 1.51
C LEU A 11 -7.20 0.20 1.88
N LYS A 12 -6.60 -0.81 1.30
CA LYS A 12 -6.98 -2.22 1.63
C LYS A 12 -5.76 -2.88 2.31
N ALA A 13 -5.00 -2.08 3.03
CA ALA A 13 -3.75 -2.51 3.74
C ALA A 13 -3.17 -3.83 3.19
N NH2 A 14 -3.52 -4.96 3.72
HN1 NH2 A 14 -4.17 -4.99 4.46
HN2 NH2 A 14 -3.15 -5.80 3.37
N ALA A 1 4.48 -4.28 -2.61
CA ALA A 1 3.44 -3.51 -1.87
C ALA A 1 3.87 -3.27 -0.41
N LEU A 2 4.68 -2.25 -0.12
CA LEU A 2 5.07 -2.01 1.30
C LEU A 2 5.45 -0.59 1.64
N TRP A 3 5.42 0.30 0.70
CA TRP A 3 5.76 1.72 0.99
C TRP A 3 5.79 2.53 -0.31
N LYS A 4 6.02 1.85 -1.41
CA LYS A 4 6.00 2.53 -2.74
C LYS A 4 4.78 1.97 -3.53
N THR A 5 4.03 1.10 -2.87
CA THR A 5 2.83 0.44 -3.49
C THR A 5 1.86 0.03 -2.38
N LEU A 6 2.38 -0.38 -1.24
CA LEU A 6 1.52 -0.77 -0.07
C LEU A 6 0.66 0.42 0.35
N LEU A 7 1.07 1.59 0.00
CA LEU A 7 0.27 2.82 0.35
C LEU A 7 -0.93 2.81 -0.58
N LYS A 8 -0.69 2.38 -1.79
CA LYS A 8 -1.80 2.23 -2.74
C LYS A 8 -2.58 1.00 -2.28
N LYS A 9 -1.86 0.07 -1.70
CA LYS A 9 -2.48 -1.16 -1.12
C LYS A 9 -2.79 -0.92 0.34
N VAL A 10 -2.74 0.31 0.76
CA VAL A 10 -2.97 0.60 2.16
C VAL A 10 -4.46 0.84 2.38
N LEU A 11 -5.10 1.44 1.39
CA LEU A 11 -6.59 1.68 1.48
C LEU A 11 -7.22 0.35 1.89
N LYS A 12 -6.70 -0.72 1.33
CA LYS A 12 -7.16 -2.09 1.70
C LYS A 12 -6.23 -2.63 2.81
N ALA A 13 -5.02 -2.09 2.86
CA ALA A 13 -4.01 -2.46 3.90
C ALA A 13 -3.60 -3.94 3.80
N NH2 A 14 -2.44 -4.32 4.26
HN1 NH2 A 14 -1.83 -3.66 4.66
HN2 NH2 A 14 -2.16 -5.25 4.20
#